data_2KUG
#
_entry.id   2KUG
#
loop_
_entity.id
_entity.type
_entity.pdbx_description
1 polymer Calmodulin-1
2 non-polymer 'CALCIUM ION'
3 non-polymer 2-BROMO-2-CHLORO-1,1,1-TRIFLUOROETHANE
#
_entity_poly.entity_id   1
_entity_poly.type   'polypeptide(L)'
_entity_poly.pdbx_seq_one_letter_code
;ADQLTEEQIAEFKEAFSLFDKDGDGTITTKELGTVMRSLGQNPTEAELQDMINEVDADGNGTIDFPEFLTMMARKMKDTD
SEEEIREAFRVFDKDGNGYISAAELRHVMTNLGEKLTDEEVDEMIREADIDGDGQVNYEEFVQMMTAK
;
_entity_poly.pdbx_strand_id   A
#
# COMPACT_ATOMS: atom_id res chain seq x y z
N ALA A 1 13.48 10.85 12.34
CA ALA A 1 12.42 10.61 11.34
C ALA A 1 13.14 10.12 10.12
N ASP A 2 12.75 8.90 9.73
CA ASP A 2 13.37 8.34 8.53
C ASP A 2 12.60 8.79 7.32
N GLN A 3 11.36 8.27 7.25
CA GLN A 3 10.45 8.75 6.23
C GLN A 3 9.94 10.13 6.60
N LEU A 4 9.27 10.14 7.76
CA LEU A 4 8.73 11.40 8.26
C LEU A 4 8.65 11.26 9.77
N THR A 5 8.05 12.28 10.40
CA THR A 5 7.87 12.18 11.85
C THR A 5 7.02 10.97 12.18
N GLU A 6 7.16 10.52 13.45
CA GLU A 6 6.32 9.41 13.92
C GLU A 6 4.85 9.56 13.58
N GLU A 7 4.40 10.83 13.51
CA GLU A 7 3.03 11.05 13.08
C GLU A 7 2.75 10.38 11.75
N GLN A 8 3.46 10.89 10.73
CA GLN A 8 3.18 10.36 9.41
C GLN A 8 3.36 8.86 9.27
N ILE A 9 4.48 8.40 9.83
CA ILE A 9 4.73 6.96 9.90
C ILE A 9 3.58 6.16 10.55
N ALA A 10 3.15 6.67 11.69
CA ALA A 10 2.04 6.08 12.45
C ALA A 10 0.81 5.99 11.60
N GLU A 11 0.49 7.13 10.97
CA GLU A 11 -0.61 7.09 10.01
C GLU A 11 -0.42 6.08 8.91
N PHE A 12 0.83 5.93 8.45
CA PHE A 12 1.07 4.86 7.47
C PHE A 12 0.76 3.46 7.99
N LYS A 13 1.03 3.30 9.29
CA LYS A 13 0.59 2.07 9.95
C LYS A 13 -0.92 1.95 9.95
N GLU A 14 -1.59 3.08 10.26
CA GLU A 14 -3.03 3.04 10.22
C GLU A 14 -3.58 2.73 8.83
N ALA A 15 -2.93 3.31 7.83
CA ALA A 15 -3.29 3.11 6.43
C ALA A 15 -3.17 1.66 6.02
N PHE A 16 -2.13 1.04 6.63
CA PHE A 16 -1.94 -0.38 6.44
C PHE A 16 -3.13 -1.18 6.92
N SER A 17 -3.60 -0.84 8.13
CA SER A 17 -4.81 -1.49 8.65
C SER A 17 -6.02 -1.36 7.72
N LEU A 18 -6.19 -0.10 7.24
CA LEU A 18 -7.26 0.18 6.28
C LEU A 18 -7.20 -0.61 4.97
N PHE A 19 -5.96 -0.99 4.66
CA PHE A 19 -5.74 -1.78 3.47
C PHE A 19 -6.09 -3.22 3.67
N ASP A 20 -5.41 -3.79 4.68
CA ASP A 20 -5.63 -5.18 5.07
C ASP A 20 -6.67 -5.29 6.16
N LYS A 21 -7.88 -5.08 5.65
CA LYS A 21 -9.11 -5.14 6.43
C LYS A 21 -9.44 -6.51 7.03
N ASP A 22 -8.87 -7.50 6.34
CA ASP A 22 -9.00 -8.87 6.83
C ASP A 22 -7.93 -9.23 7.86
N GLY A 23 -6.83 -8.44 7.76
CA GLY A 23 -5.70 -8.71 8.63
C GLY A 23 -4.96 -10.01 8.31
N ASP A 24 -4.97 -10.38 7.03
CA ASP A 24 -4.29 -11.58 6.54
C ASP A 24 -2.78 -11.46 6.37
N GLY A 25 -2.28 -10.25 6.65
CA GLY A 25 -0.88 -9.93 6.40
C GLY A 25 -0.49 -9.75 4.93
N THR A 26 -1.50 -9.52 4.10
CA THR A 26 -1.29 -9.48 2.67
C THR A 26 -2.31 -8.57 1.99
N ILE A 27 -1.73 -7.51 1.39
CA ILE A 27 -2.59 -6.64 0.58
C ILE A 27 -2.76 -7.23 -0.80
N THR A 28 -4.01 -7.54 -1.14
CA THR A 28 -4.20 -8.05 -2.50
C THR A 28 -4.40 -6.97 -3.54
N THR A 29 -4.36 -7.38 -4.82
CA THR A 29 -4.53 -6.38 -5.90
C THR A 29 -5.90 -5.70 -5.87
N LYS A 30 -6.86 -6.61 -5.62
CA LYS A 30 -8.21 -6.10 -5.51
C LYS A 30 -8.35 -5.12 -4.36
N GLU A 31 -7.70 -5.56 -3.26
CA GLU A 31 -7.60 -4.69 -2.12
C GLU A 31 -6.94 -3.38 -2.45
N LEU A 32 -5.91 -3.41 -3.31
CA LEU A 32 -5.24 -2.20 -3.80
C LEU A 32 -6.24 -1.23 -4.37
N GLY A 33 -7.23 -1.81 -5.06
CA GLY A 33 -8.33 -0.98 -5.55
C GLY A 33 -8.95 -0.18 -4.43
N THR A 34 -9.34 -0.94 -3.40
CA THR A 34 -9.83 -0.29 -2.19
C THR A 34 -8.89 0.76 -1.60
N VAL A 35 -7.60 0.36 -1.53
CA VAL A 35 -6.46 1.14 -1.05
C VAL A 35 -6.34 2.51 -1.71
N MET A 36 -6.00 2.46 -3.01
CA MET A 36 -5.90 3.73 -3.74
C MET A 36 -7.20 4.50 -3.73
N ARG A 37 -8.27 3.72 -3.85
CA ARG A 37 -9.59 4.35 -3.77
C ARG A 37 -9.90 5.00 -2.43
N SER A 38 -9.32 4.42 -1.38
CA SER A 38 -9.67 4.91 -0.05
C SER A 38 -9.02 6.24 0.24
N LEU A 39 -7.85 6.41 -0.39
CA LEU A 39 -7.14 7.68 -0.32
C LEU A 39 -7.81 8.76 -1.19
N GLY A 40 -8.88 8.31 -1.86
CA GLY A 40 -9.68 9.23 -2.67
C GLY A 40 -9.12 9.33 -4.06
N GLN A 41 -9.20 8.20 -4.78
CA GLN A 41 -8.67 8.11 -6.14
C GLN A 41 -9.47 7.06 -6.88
N ASN A 42 -9.28 6.95 -8.20
CA ASN A 42 -10.00 5.89 -8.92
C ASN A 42 -9.08 5.12 -9.84
N PRO A 43 -8.68 3.93 -9.33
CA PRO A 43 -7.80 3.08 -10.12
C PRO A 43 -8.58 2.20 -11.09
N THR A 44 -7.89 1.89 -12.19
CA THR A 44 -8.39 0.93 -13.15
C THR A 44 -7.98 -0.48 -12.73
N GLU A 45 -8.63 -1.50 -13.33
CA GLU A 45 -8.24 -2.87 -12.99
C GLU A 45 -6.74 -3.11 -13.14
N ALA A 46 -6.26 -2.51 -14.26
CA ALA A 46 -4.83 -2.52 -14.53
C ALA A 46 -4.07 -1.87 -13.41
N GLU A 47 -4.57 -0.70 -12.96
CA GLU A 47 -3.85 -0.10 -11.85
C GLU A 47 -3.74 -0.97 -10.62
N LEU A 48 -4.68 -1.90 -10.44
CA LEU A 48 -4.51 -2.74 -9.25
C LEU A 48 -3.35 -3.72 -9.35
N GLN A 49 -3.33 -4.34 -10.54
CA GLN A 49 -2.27 -5.28 -10.86
C GLN A 49 -0.88 -4.65 -10.95
N ASP A 50 -0.92 -3.47 -11.56
CA ASP A 50 0.28 -2.75 -11.88
C ASP A 50 0.82 -2.02 -10.68
N MET A 51 -0.07 -1.32 -9.96
CA MET A 51 0.39 -0.63 -8.74
C MET A 51 1.09 -1.54 -7.76
N ILE A 52 0.52 -2.76 -7.63
CA ILE A 52 1.20 -3.74 -6.79
C ILE A 52 2.56 -4.10 -7.37
N ASN A 53 2.50 -4.61 -8.61
CA ASN A 53 3.75 -5.10 -9.21
C ASN A 53 4.89 -4.09 -9.30
N GLU A 54 4.47 -2.85 -9.51
CA GLU A 54 5.46 -1.77 -9.57
C GLU A 54 6.20 -1.53 -8.26
N VAL A 55 5.52 -1.90 -7.16
CA VAL A 55 6.10 -1.76 -5.85
C VAL A 55 6.28 -3.07 -5.09
N ASP A 56 6.20 -4.17 -5.87
CA ASP A 56 6.40 -5.48 -5.27
C ASP A 56 7.87 -5.85 -5.27
N ALA A 57 8.38 -5.99 -4.05
CA ALA A 57 9.82 -6.21 -4.01
C ALA A 57 10.23 -7.65 -4.16
N ASP A 58 9.31 -8.51 -3.76
CA ASP A 58 9.55 -9.95 -3.83
C ASP A 58 9.08 -10.62 -5.12
N GLY A 59 8.24 -9.87 -5.87
CA GLY A 59 7.74 -10.48 -7.10
C GLY A 59 6.63 -11.52 -6.86
N ASN A 60 6.15 -11.55 -5.62
CA ASN A 60 5.12 -12.53 -5.27
C ASN A 60 3.72 -12.24 -5.78
N GLY A 61 3.41 -10.93 -5.87
CA GLY A 61 2.06 -10.51 -6.25
C GLY A 61 1.15 -10.10 -5.11
N THR A 62 1.80 -9.55 -4.07
CA THR A 62 1.10 -9.07 -2.88
C THR A 62 1.92 -7.97 -2.25
N ILE A 63 1.24 -7.18 -1.41
CA ILE A 63 2.03 -6.11 -0.77
C ILE A 63 1.92 -6.16 0.74
N ASP A 64 3.04 -6.01 1.43
CA ASP A 64 2.98 -5.95 2.88
C ASP A 64 3.31 -4.56 3.43
N PHE A 65 3.26 -4.43 4.76
CA PHE A 65 3.72 -3.14 5.30
C PHE A 65 5.15 -2.68 4.95
N PRO A 66 6.18 -3.56 5.15
CA PRO A 66 7.52 -3.18 4.68
C PRO A 66 7.62 -2.64 3.25
N GLU A 67 6.94 -3.33 2.33
CA GLU A 67 6.87 -2.96 0.92
C GLU A 67 6.09 -1.68 0.76
N PHE A 68 5.00 -1.60 1.52
CA PHE A 68 4.24 -0.35 1.52
C PHE A 68 5.10 0.83 1.90
N LEU A 69 5.95 0.63 2.92
CA LEU A 69 6.83 1.72 3.34
C LEU A 69 7.83 2.17 2.29
N THR A 70 8.39 1.17 1.61
CA THR A 70 9.29 1.54 0.51
C THR A 70 8.60 2.33 -0.60
N MET A 71 7.36 1.87 -0.87
CA MET A 71 6.48 2.60 -1.78
C MET A 71 6.24 4.02 -1.31
N MET A 72 6.04 4.12 0.01
CA MET A 72 5.83 5.44 0.60
C MET A 72 6.97 6.40 0.42
N ALA A 73 8.16 5.80 0.45
CA ALA A 73 9.34 6.60 0.12
C ALA A 73 9.28 7.19 -1.28
N ARG A 74 8.72 6.37 -2.18
CA ARG A 74 8.45 6.89 -3.53
C ARG A 74 7.39 7.98 -3.60
N LYS A 75 6.45 7.89 -2.66
CA LYS A 75 5.42 8.93 -2.62
C LYS A 75 5.89 10.31 -2.18
N MET A 76 6.40 11.08 -3.15
CA MET A 76 7.02 12.37 -2.91
C MET A 76 7.25 13.14 -4.22
N ALA A 1 13.34 12.79 11.48
CA ALA A 1 12.81 11.47 11.17
C ALA A 1 13.18 11.17 9.75
N ASP A 2 12.94 9.92 9.35
CA ASP A 2 13.34 9.46 8.04
C ASP A 2 12.34 9.85 7.00
N GLN A 3 11.17 9.18 7.11
CA GLN A 3 10.04 9.61 6.29
C GLN A 3 9.42 10.87 6.87
N LEU A 4 8.87 10.71 8.07
CA LEU A 4 8.24 11.83 8.73
C LEU A 4 8.22 11.50 10.20
N THR A 5 7.72 12.46 11.00
CA THR A 5 7.66 12.24 12.45
C THR A 5 6.96 10.94 12.77
N GLU A 6 7.30 10.37 13.94
CA GLU A 6 6.64 9.13 14.37
C GLU A 6 5.14 9.11 14.21
N GLU A 7 4.57 10.31 14.29
CA GLU A 7 3.14 10.50 14.06
C GLU A 7 2.79 9.93 12.70
N GLN A 8 3.37 10.57 11.67
CA GLN A 8 3.06 10.07 10.33
C GLN A 8 3.34 8.61 10.07
N ILE A 9 4.54 8.20 10.50
CA ILE A 9 4.89 6.79 10.41
C ILE A 9 3.82 5.86 10.99
N ALA A 10 3.41 6.22 12.22
CA ALA A 10 2.33 5.51 12.88
C ALA A 10 1.05 5.47 12.06
N GLU A 11 0.66 6.65 11.58
CA GLU A 11 -0.49 6.74 10.67
C GLU A 11 -0.36 5.93 9.38
N PHE A 12 0.89 5.75 8.93
CA PHE A 12 1.07 4.79 7.85
C PHE A 12 0.66 3.39 8.25
N LYS A 13 1.04 3.04 9.47
CA LYS A 13 0.52 1.78 10.01
C LYS A 13 -1.00 1.76 10.15
N GLU A 14 -1.57 2.91 10.54
CA GLU A 14 -3.04 2.95 10.53
C GLU A 14 -3.65 2.69 9.16
N ALA A 15 -3.04 3.33 8.16
CA ALA A 15 -3.49 3.08 6.79
C ALA A 15 -3.41 1.61 6.38
N PHE A 16 -2.36 0.98 6.94
CA PHE A 16 -2.24 -0.47 6.75
C PHE A 16 -3.44 -1.25 7.24
N SER A 17 -3.91 -0.87 8.45
CA SER A 17 -5.13 -1.46 8.99
C SER A 17 -6.34 -1.34 8.07
N LEU A 18 -6.40 -0.18 7.40
CA LEU A 18 -7.49 0.05 6.45
C LEU A 18 -7.33 -0.75 5.17
N PHE A 19 -6.06 -1.06 4.88
CA PHE A 19 -5.78 -1.83 3.67
C PHE A 19 -6.17 -3.26 3.83
N ASP A 20 -5.60 -3.85 4.88
CA ASP A 20 -5.87 -5.25 5.17
C ASP A 20 -7.23 -5.44 5.81
N LYS A 21 -8.24 -5.26 4.94
CA LYS A 21 -9.62 -5.21 5.41
C LYS A 21 -10.13 -6.54 5.93
N ASP A 22 -9.57 -7.57 5.31
CA ASP A 22 -9.86 -8.94 5.73
C ASP A 22 -8.99 -9.39 6.89
N GLY A 23 -7.85 -8.69 7.04
CA GLY A 23 -6.90 -9.14 8.05
C GLY A 23 -6.19 -10.42 7.66
N ASP A 24 -6.10 -10.65 6.34
CA ASP A 24 -5.41 -11.86 5.89
C ASP A 24 -3.88 -11.80 5.98
N GLY A 25 -3.40 -10.63 6.40
CA GLY A 25 -1.97 -10.41 6.48
C GLY A 25 -1.29 -10.15 5.14
N THR A 26 -2.08 -9.74 4.15
CA THR A 26 -1.56 -9.54 2.81
C THR A 26 -2.39 -8.52 2.06
N ILE A 27 -1.66 -7.56 1.47
CA ILE A 27 -2.40 -6.60 0.64
C ILE A 27 -2.65 -7.17 -0.73
N THR A 28 -3.93 -7.36 -1.02
CA THR A 28 -4.23 -7.86 -2.36
C THR A 28 -4.33 -6.76 -3.38
N THR A 29 -4.30 -7.18 -4.67
CA THR A 29 -4.39 -6.18 -5.73
C THR A 29 -5.71 -5.39 -5.63
N LYS A 30 -6.71 -6.24 -5.36
CA LYS A 30 -8.03 -5.66 -5.18
C LYS A 30 -8.09 -4.68 -4.03
N GLU A 31 -7.46 -5.10 -2.93
CA GLU A 31 -7.34 -4.20 -1.78
C GLU A 31 -6.67 -2.92 -2.17
N LEU A 32 -5.58 -3.02 -2.94
CA LEU A 32 -4.93 -1.82 -3.47
C LEU A 32 -5.91 -0.89 -4.17
N GLY A 33 -6.82 -1.53 -4.92
CA GLY A 33 -7.86 -0.71 -5.52
C GLY A 33 -8.61 0.11 -4.50
N THR A 34 -9.01 -0.60 -3.46
CA THR A 34 -9.61 0.12 -2.33
C THR A 34 -8.74 1.21 -1.74
N VAL A 35 -7.46 0.88 -1.57
CA VAL A 35 -6.41 1.79 -1.11
C VAL A 35 -6.35 3.07 -1.92
N MET A 36 -5.93 2.93 -3.18
CA MET A 36 -5.86 4.11 -4.04
C MET A 36 -7.16 4.86 -4.12
N ARG A 37 -8.22 4.04 -4.20
CA ARG A 37 -9.56 4.63 -4.17
C ARG A 37 -9.89 5.41 -2.92
N SER A 38 -9.39 4.92 -1.79
CA SER A 38 -9.74 5.51 -0.50
C SER A 38 -9.17 6.90 -0.36
N LEU A 39 -7.98 7.02 -0.95
CA LEU A 39 -7.31 8.32 -1.00
C LEU A 39 -7.95 9.30 -1.98
N GLY A 40 -9.00 8.79 -2.64
CA GLY A 40 -9.78 9.65 -3.53
C GLY A 40 -9.30 9.57 -4.97
N GLN A 41 -9.29 8.34 -5.48
CA GLN A 41 -8.76 8.14 -6.83
C GLN A 41 -9.53 7.02 -7.51
N ASN A 42 -9.22 6.74 -8.79
CA ASN A 42 -9.86 5.57 -9.41
C ASN A 42 -8.89 4.76 -10.24
N PRO A 43 -8.43 3.65 -9.63
CA PRO A 43 -7.50 2.77 -10.32
C PRO A 43 -8.23 1.76 -11.20
N THR A 44 -7.67 1.59 -12.41
CA THR A 44 -8.20 0.56 -13.30
C THR A 44 -7.76 -0.82 -12.82
N GLU A 45 -8.30 -1.89 -13.42
CA GLU A 45 -7.83 -3.23 -13.06
C GLU A 45 -6.32 -3.38 -13.19
N ALA A 46 -5.86 -2.77 -14.31
CA ALA A 46 -4.43 -2.70 -14.56
C ALA A 46 -3.75 -2.07 -13.36
N GLU A 47 -4.35 -0.98 -12.89
CA GLU A 47 -3.64 -0.34 -11.80
C GLU A 47 -3.53 -1.17 -10.55
N LEU A 48 -4.43 -2.13 -10.39
CA LEU A 48 -4.25 -2.92 -9.16
C LEU A 48 -3.05 -3.86 -9.23
N GLN A 49 -3.07 -4.57 -10.39
CA GLN A 49 -1.97 -5.48 -10.67
C GLN A 49 -0.62 -4.78 -10.77
N ASP A 50 -0.67 -3.70 -11.54
CA ASP A 50 0.53 -2.96 -11.87
C ASP A 50 1.02 -2.17 -10.68
N MET A 51 0.10 -1.53 -9.95
CA MET A 51 0.59 -0.76 -8.79
C MET A 51 1.21 -1.61 -7.71
N ILE A 52 0.68 -2.84 -7.58
CA ILE A 52 1.39 -3.80 -6.71
C ILE A 52 2.74 -4.16 -7.29
N ASN A 53 2.67 -4.66 -8.53
CA ASN A 53 3.90 -5.20 -9.14
C ASN A 53 5.04 -4.20 -9.28
N GLU A 54 4.64 -2.94 -9.46
CA GLU A 54 5.64 -1.89 -9.56
C GLU A 54 6.42 -1.65 -8.28
N VAL A 55 5.78 -2.03 -7.17
CA VAL A 55 6.42 -1.90 -5.86
C VAL A 55 6.59 -3.22 -5.12
N ASP A 56 6.40 -4.31 -5.88
CA ASP A 56 6.60 -5.63 -5.29
C ASP A 56 8.06 -6.02 -5.36
N ALA A 57 8.62 -6.20 -4.16
CA ALA A 57 10.05 -6.43 -4.19
C ALA A 57 10.43 -7.89 -4.30
N ASP A 58 9.49 -8.70 -3.83
CA ASP A 58 9.67 -10.16 -3.83
C ASP A 58 9.14 -10.87 -5.06
N GLY A 59 8.30 -10.14 -5.83
CA GLY A 59 7.76 -10.81 -7.01
C GLY A 59 6.65 -11.82 -6.70
N ASN A 60 6.15 -11.74 -5.45
CA ASN A 60 5.11 -12.68 -5.03
C ASN A 60 3.72 -12.39 -5.56
N GLY A 61 3.42 -11.10 -5.73
CA GLY A 61 2.07 -10.70 -6.14
C GLY A 61 1.14 -10.25 -5.01
N THR A 62 1.81 -9.70 -3.98
CA THR A 62 1.13 -9.19 -2.80
C THR A 62 2.01 -8.11 -2.17
N ILE A 63 1.35 -7.27 -1.36
CA ILE A 63 2.19 -6.25 -0.70
C ILE A 63 2.04 -6.30 0.80
N ASP A 64 3.13 -6.06 1.51
CA ASP A 64 3.01 -5.96 2.96
C ASP A 64 3.29 -4.54 3.50
N PHE A 65 3.33 -4.42 4.83
CA PHE A 65 3.76 -3.11 5.34
C PHE A 65 5.16 -2.60 4.95
N PRO A 66 6.23 -3.41 5.13
CA PRO A 66 7.56 -2.99 4.65
C PRO A 66 7.63 -2.44 3.23
N GLU A 67 7.06 -3.24 2.30
CA GLU A 67 6.99 -2.91 0.87
C GLU A 67 6.13 -1.69 0.62
N PHE A 68 5.07 -1.61 1.43
CA PHE A 68 4.28 -0.38 1.38
C PHE A 68 5.09 0.83 1.79
N LEU A 69 5.86 0.69 2.87
CA LEU A 69 6.65 1.83 3.35
C LEU A 69 7.72 2.26 2.36
N THR A 70 8.35 1.26 1.76
CA THR A 70 9.32 1.57 0.70
C THR A 70 8.68 2.28 -0.48
N MET A 71 7.47 1.81 -0.78
CA MET A 71 6.66 2.51 -1.79
C MET A 71 6.38 3.95 -1.41
N MET A 72 6.05 4.11 -0.11
CA MET A 72 5.83 5.44 0.43
C MET A 72 6.99 6.41 0.31
N ALA A 73 8.20 5.82 0.32
CA ALA A 73 9.35 6.65 0.02
C ALA A 73 9.30 7.27 -1.37
N ARG A 74 8.78 6.44 -2.30
CA ARG A 74 8.54 6.93 -3.65
C ARG A 74 7.45 7.97 -3.80
N LYS A 75 6.54 7.98 -2.81
CA LYS A 75 5.51 9.02 -2.80
C LYS A 75 6.09 10.41 -2.61
N MET A 76 6.33 11.10 -3.73
CA MET A 76 6.93 12.42 -3.81
C MET A 76 7.03 12.90 -5.26
N ALA A 1 13.10 10.19 13.21
CA ALA A 1 12.39 10.63 12.00
C ALA A 1 13.24 10.18 10.84
N ASP A 2 12.94 8.94 10.43
CA ASP A 2 13.63 8.39 9.27
C ASP A 2 12.95 8.87 8.01
N GLN A 3 11.73 8.35 7.82
CA GLN A 3 10.87 8.87 6.78
C GLN A 3 10.30 10.19 7.19
N LEU A 4 9.60 10.13 8.32
CA LEU A 4 9.01 11.34 8.86
C LEU A 4 8.96 11.20 10.36
N THR A 5 8.31 12.19 10.99
CA THR A 5 8.12 12.05 12.44
C THR A 5 7.31 10.80 12.76
N GLU A 6 7.48 10.35 14.01
CA GLU A 6 6.71 9.20 14.48
C GLU A 6 5.22 9.25 14.17
N GLU A 7 4.71 10.49 14.14
CA GLU A 7 3.32 10.71 13.73
C GLU A 7 3.04 10.03 12.40
N GLN A 8 3.78 10.51 11.40
CA GLN A 8 3.52 9.96 10.07
C GLN A 8 3.74 8.48 9.95
N ILE A 9 4.88 8.04 10.50
CA ILE A 9 5.15 6.60 10.56
C ILE A 9 3.99 5.79 11.16
N ALA A 10 3.51 6.30 12.31
CA ALA A 10 2.36 5.70 12.96
C ALA A 10 1.16 5.60 12.05
N GLU A 11 0.86 6.75 11.43
CA GLU A 11 -0.22 6.74 10.45
C GLU A 11 0.03 5.90 9.23
N PHE A 12 1.32 5.66 8.93
CA PHE A 12 1.58 4.68 7.88
C PHE A 12 1.06 3.31 8.26
N LYS A 13 1.18 3.00 9.56
CA LYS A 13 0.51 1.80 10.05
C LYS A 13 -0.99 1.83 9.84
N GLU A 14 -1.60 2.99 10.13
CA GLU A 14 -3.04 3.09 9.86
C GLU A 14 -3.40 2.93 8.39
N ALA A 15 -2.50 3.46 7.55
CA ALA A 15 -2.67 3.31 6.10
C ALA A 15 -2.57 1.87 5.63
N PHE A 16 -1.61 1.19 6.30
CA PHE A 16 -1.47 -0.24 6.08
C PHE A 16 -2.78 -0.97 6.32
N SER A 17 -3.38 -0.61 7.47
CA SER A 17 -4.72 -1.14 7.77
C SER A 17 -5.74 -0.90 6.67
N LEU A 18 -5.65 0.32 6.11
CA LEU A 18 -6.60 0.65 5.06
C LEU A 18 -6.61 -0.32 3.91
N PHE A 19 -5.40 -0.78 3.53
CA PHE A 19 -5.39 -1.79 2.48
C PHE A 19 -5.87 -3.11 3.02
N ASP A 20 -5.08 -3.60 3.98
CA ASP A 20 -5.37 -4.91 4.52
C ASP A 20 -6.46 -4.90 5.59
N LYS A 21 -7.70 -4.76 5.07
CA LYS A 21 -8.80 -4.63 6.03
C LYS A 21 -9.08 -5.88 6.85
N ASP A 22 -8.61 -6.99 6.25
CA ASP A 22 -8.77 -8.28 6.91
C ASP A 22 -7.69 -8.55 7.95
N GLY A 23 -6.56 -7.83 7.77
CA GLY A 23 -5.46 -8.07 8.70
C GLY A 23 -4.77 -9.40 8.49
N ASP A 24 -4.81 -9.90 7.24
CA ASP A 24 -4.17 -11.15 6.83
C ASP A 24 -2.66 -11.06 6.67
N GLY A 25 -2.16 -9.82 6.80
CA GLY A 25 -0.74 -9.54 6.57
C GLY A 25 -0.34 -9.51 5.10
N THR A 26 -1.36 -9.30 4.24
CA THR A 26 -1.18 -9.35 2.81
C THR A 26 -2.16 -8.43 2.10
N ILE A 27 -1.55 -7.43 1.43
CA ILE A 27 -2.39 -6.52 0.64
C ILE A 27 -2.67 -7.14 -0.72
N THR A 28 -3.93 -7.45 -0.95
CA THR A 28 -4.31 -7.94 -2.25
C THR A 28 -4.52 -6.86 -3.29
N THR A 29 -4.56 -7.33 -4.55
CA THR A 29 -4.72 -6.34 -5.62
C THR A 29 -6.04 -5.57 -5.48
N LYS A 30 -7.04 -6.42 -5.19
CA LYS A 30 -8.38 -5.85 -5.02
C LYS A 30 -8.45 -4.74 -3.99
N GLU A 31 -7.69 -5.02 -2.91
CA GLU A 31 -7.53 -4.07 -1.80
C GLU A 31 -6.79 -2.81 -2.19
N LEU A 32 -5.74 -3.01 -2.99
CA LEU A 32 -5.03 -1.87 -3.57
C LEU A 32 -6.02 -0.88 -4.18
N GLY A 33 -6.89 -1.49 -4.99
CA GLY A 33 -7.92 -0.68 -5.62
C GLY A 33 -8.83 0.01 -4.64
N THR A 34 -9.20 -0.76 -3.62
CA THR A 34 -10.01 -0.18 -2.53
C THR A 34 -9.44 1.10 -1.95
N VAL A 35 -8.20 1.03 -1.51
CA VAL A 35 -7.65 2.23 -0.91
C VAL A 35 -7.36 3.34 -1.88
N MET A 36 -6.72 2.94 -2.99
CA MET A 36 -6.53 3.97 -4.02
C MET A 36 -7.82 4.71 -4.39
N ARG A 37 -8.87 3.90 -4.41
CA ARG A 37 -10.21 4.46 -4.53
C ARG A 37 -10.65 5.36 -3.38
N SER A 38 -10.38 4.90 -2.15
CA SER A 38 -10.77 5.64 -0.94
C SER A 38 -10.19 7.04 -0.88
N LEU A 39 -8.97 7.13 -1.43
CA LEU A 39 -8.29 8.42 -1.51
C LEU A 39 -8.91 9.38 -2.53
N GLY A 40 -9.95 8.87 -3.20
CA GLY A 40 -10.69 9.67 -4.16
C GLY A 40 -10.06 9.57 -5.53
N GLN A 41 -9.98 8.31 -6.00
CA GLN A 41 -9.35 8.05 -7.31
C GLN A 41 -10.03 6.85 -7.94
N ASN A 42 -9.73 6.56 -9.21
CA ASN A 42 -10.30 5.32 -9.80
C ASN A 42 -9.28 4.49 -10.53
N PRO A 43 -8.83 3.42 -9.84
CA PRO A 43 -7.91 2.49 -10.48
C PRO A 43 -8.66 1.48 -11.34
N THR A 44 -8.11 1.28 -12.54
CA THR A 44 -8.62 0.23 -13.42
C THR A 44 -8.18 -1.14 -12.90
N GLU A 45 -8.77 -2.25 -13.40
CA GLU A 45 -8.26 -3.57 -12.97
C GLU A 45 -6.76 -3.72 -13.12
N ALA A 46 -6.33 -3.18 -14.29
CA ALA A 46 -4.91 -3.08 -14.58
C ALA A 46 -4.20 -2.37 -13.46
N GLU A 47 -4.77 -1.23 -13.06
CA GLU A 47 -4.07 -0.54 -11.97
C GLU A 47 -3.92 -1.32 -10.69
N LEU A 48 -4.79 -2.31 -10.48
CA LEU A 48 -4.54 -3.09 -9.24
C LEU A 48 -3.31 -4.00 -9.36
N GLN A 49 -3.32 -4.68 -10.51
CA GLN A 49 -2.18 -5.55 -10.82
C GLN A 49 -0.84 -4.82 -10.94
N ASP A 50 -0.95 -3.67 -11.61
CA ASP A 50 0.20 -2.88 -12.00
C ASP A 50 0.70 -2.06 -10.82
N MET A 51 -0.25 -1.49 -10.07
CA MET A 51 0.19 -0.77 -8.86
C MET A 51 0.91 -1.64 -7.88
N ILE A 52 0.41 -2.87 -7.75
CA ILE A 52 1.19 -3.82 -6.97
C ILE A 52 2.52 -4.10 -7.66
N ASN A 53 2.40 -4.47 -8.94
CA ASN A 53 3.61 -4.84 -9.72
C ASN A 53 4.76 -3.84 -9.69
N GLU A 54 4.37 -2.56 -9.65
CA GLU A 54 5.35 -1.49 -9.67
C GLU A 54 6.07 -1.30 -8.35
N VAL A 55 5.39 -1.74 -7.29
CA VAL A 55 6.02 -1.60 -5.98
C VAL A 55 6.24 -2.91 -5.26
N ASP A 56 6.13 -4.00 -6.04
CA ASP A 56 6.39 -5.31 -5.45
C ASP A 56 7.86 -5.65 -5.50
N ALA A 57 8.40 -5.88 -4.32
CA ALA A 57 9.85 -6.10 -4.33
C ALA A 57 10.26 -7.54 -4.48
N ASP A 58 9.35 -8.40 -4.05
CA ASP A 58 9.55 -9.84 -4.13
C ASP A 58 9.01 -10.50 -5.40
N GLY A 59 8.19 -9.73 -6.12
CA GLY A 59 7.64 -10.34 -7.33
C GLY A 59 6.53 -11.36 -7.04
N ASN A 60 6.07 -11.38 -5.79
CA ASN A 60 5.06 -12.35 -5.39
C ASN A 60 3.65 -12.07 -5.91
N GLY A 61 3.33 -10.77 -6.02
CA GLY A 61 1.98 -10.37 -6.38
C GLY A 61 1.08 -10.04 -5.20
N THR A 62 1.73 -9.45 -4.19
CA THR A 62 1.08 -8.99 -2.97
C THR A 62 1.93 -7.89 -2.35
N ILE A 63 1.31 -7.10 -1.46
CA ILE A 63 2.10 -6.01 -0.86
C ILE A 63 2.04 -6.01 0.66
N ASP A 64 3.22 -5.89 1.25
CA ASP A 64 3.23 -5.83 2.71
C ASP A 64 3.60 -4.45 3.26
N PHE A 65 3.55 -4.35 4.59
CA PHE A 65 3.97 -3.06 5.17
C PHE A 65 5.39 -2.56 4.84
N PRO A 66 6.43 -3.43 5.05
CA PRO A 66 7.75 -3.05 4.52
C PRO A 66 7.80 -2.50 3.09
N GLU A 67 7.10 -3.19 2.18
CA GLU A 67 7.02 -2.79 0.77
C GLU A 67 6.22 -1.53 0.56
N PHE A 68 5.23 -1.35 1.44
CA PHE A 68 4.46 -0.12 1.40
C PHE A 68 5.32 1.07 1.81
N LEU A 69 6.10 0.83 2.87
CA LEU A 69 6.97 1.88 3.41
C LEU A 69 8.08 2.34 2.46
N THR A 70 8.65 1.36 1.77
CA THR A 70 9.66 1.68 0.75
C THR A 70 9.11 2.58 -0.34
N MET A 71 7.87 2.25 -0.73
CA MET A 71 7.20 3.12 -1.70
C MET A 71 6.98 4.52 -1.15
N MET A 72 6.55 4.51 0.12
CA MET A 72 6.40 5.77 0.85
C MET A 72 7.67 6.58 0.96
N ALA A 73 8.81 5.87 1.00
CA ALA A 73 10.09 6.56 0.97
C ALA A 73 10.40 7.28 -0.33
N ARG A 74 9.86 6.67 -1.40
CA ARG A 74 9.94 7.33 -2.70
C ARG A 74 9.06 8.55 -2.83
N LYS A 75 7.81 8.34 -2.40
CA LYS A 75 6.91 9.48 -2.34
C LYS A 75 7.40 10.42 -1.24
N MET A 76 7.10 11.73 -1.43
CA MET A 76 7.59 12.75 -0.51
C MET A 76 9.10 12.75 -0.25
N ALA A 1 12.90 10.74 12.69
CA ALA A 1 12.34 11.16 11.41
C ALA A 1 13.26 10.62 10.35
N ASP A 2 12.91 9.38 10.00
CA ASP A 2 13.66 8.73 8.93
C ASP A 2 13.03 9.06 7.61
N GLN A 3 11.82 8.50 7.46
CA GLN A 3 11.01 8.87 6.31
C GLN A 3 10.41 10.23 6.55
N LEU A 4 9.68 10.28 7.68
CA LEU A 4 9.07 11.54 8.08
C LEU A 4 8.97 11.52 9.59
N THR A 5 8.30 12.56 10.14
CA THR A 5 8.12 12.56 11.58
C THR A 5 7.39 11.30 12.02
N GLU A 6 7.55 10.98 13.32
CA GLU A 6 6.81 9.85 13.89
C GLU A 6 5.32 9.84 13.58
N GLU A 7 4.79 11.07 13.44
CA GLU A 7 3.40 11.18 13.01
C GLU A 7 3.17 10.40 11.72
N GLN A 8 3.87 10.86 10.68
CA GLN A 8 3.65 10.24 9.38
C GLN A 8 3.83 8.73 9.36
N ILE A 9 4.97 8.30 9.95
CA ILE A 9 5.22 6.87 10.12
C ILE A 9 4.06 6.11 10.79
N ALA A 10 3.60 6.73 11.89
CA ALA A 10 2.46 6.19 12.61
C ALA A 10 1.26 6.03 11.70
N GLU A 11 0.92 7.12 11.00
CA GLU A 11 -0.16 7.01 10.02
C GLU A 11 0.09 5.99 8.94
N PHE A 12 1.37 5.78 8.60
CA PHE A 12 1.66 4.70 7.66
C PHE A 12 1.32 3.34 8.22
N LYS A 13 1.46 3.24 9.54
CA LYS A 13 0.94 2.05 10.18
C LYS A 13 -0.57 1.96 10.06
N GLU A 14 -1.25 3.10 10.27
CA GLU A 14 -2.71 3.05 10.06
C GLU A 14 -3.13 2.72 8.63
N ALA A 15 -2.33 3.24 7.70
CA ALA A 15 -2.56 2.98 6.28
C ALA A 15 -2.39 1.53 5.91
N PHE A 16 -1.40 0.93 6.60
CA PHE A 16 -1.20 -0.50 6.45
C PHE A 16 -2.49 -1.28 6.66
N SER A 17 -3.08 -1.01 7.83
CA SER A 17 -4.38 -1.62 8.15
C SER A 17 -5.44 -1.40 7.07
N LEU A 18 -5.41 -0.18 6.52
CA LEU A 18 -6.41 0.15 5.50
C LEU A 18 -6.41 -0.73 4.27
N PHE A 19 -5.20 -1.22 3.95
CA PHE A 19 -5.22 -2.18 2.86
C PHE A 19 -5.77 -3.49 3.33
N ASP A 20 -5.02 -4.07 4.29
CA ASP A 20 -5.35 -5.39 4.79
C ASP A 20 -6.51 -5.36 5.78
N LYS A 21 -7.70 -5.25 5.19
CA LYS A 21 -8.91 -5.09 6.02
C LYS A 21 -9.23 -6.31 6.89
N ASP A 22 -8.58 -7.40 6.46
CA ASP A 22 -8.81 -8.72 7.05
C ASP A 22 -7.71 -9.12 8.00
N GLY A 23 -6.55 -8.47 7.79
CA GLY A 23 -5.43 -8.85 8.65
C GLY A 23 -4.77 -10.17 8.28
N ASP A 24 -4.83 -10.53 6.99
CA ASP A 24 -4.22 -11.77 6.44
C ASP A 24 -2.71 -11.69 6.27
N GLY A 25 -2.15 -10.52 6.56
CA GLY A 25 -0.75 -10.24 6.26
C GLY A 25 -0.42 -10.12 4.79
N THR A 26 -1.45 -9.77 4.02
CA THR A 26 -1.35 -9.72 2.57
C THR A 26 -2.33 -8.71 1.99
N ILE A 27 -1.70 -7.72 1.35
CA ILE A 27 -2.49 -6.74 0.61
C ILE A 27 -2.78 -7.23 -0.79
N THR A 28 -4.06 -7.44 -1.07
CA THR A 28 -4.45 -7.82 -2.41
C THR A 28 -4.58 -6.64 -3.36
N THR A 29 -4.59 -6.99 -4.64
CA THR A 29 -4.66 -5.92 -5.65
C THR A 29 -5.94 -5.05 -5.49
N LYS A 30 -6.98 -5.86 -5.26
CA LYS A 30 -8.27 -5.22 -5.02
C LYS A 30 -8.24 -4.27 -3.84
N GLU A 31 -7.60 -4.78 -2.77
CA GLU A 31 -7.46 -4.00 -1.54
C GLU A 31 -6.75 -2.68 -1.76
N LEU A 32 -5.68 -2.76 -2.57
CA LEU A 32 -5.02 -1.52 -2.95
C LEU A 32 -5.99 -0.55 -3.58
N GLY A 33 -6.79 -1.13 -4.49
CA GLY A 33 -7.85 -0.34 -5.08
C GLY A 33 -8.74 0.32 -4.06
N THR A 34 -9.07 -0.42 -2.99
CA THR A 34 -9.83 0.22 -1.90
C THR A 34 -9.21 1.51 -1.39
N VAL A 35 -7.90 1.45 -1.14
CA VAL A 35 -7.27 2.65 -0.60
C VAL A 35 -7.09 3.77 -1.62
N MET A 36 -6.49 3.41 -2.76
CA MET A 36 -6.41 4.43 -3.81
C MET A 36 -7.73 5.11 -4.13
N ARG A 37 -8.74 4.25 -4.21
CA ARG A 37 -10.11 4.74 -4.33
C ARG A 37 -10.60 5.64 -3.20
N SER A 38 -10.28 5.19 -1.97
CA SER A 38 -10.77 5.88 -0.77
C SER A 38 -10.21 7.27 -0.63
N LEU A 39 -8.98 7.38 -1.11
CA LEU A 39 -8.31 8.68 -1.13
C LEU A 39 -8.91 9.64 -2.15
N GLY A 40 -9.92 9.13 -2.88
CA GLY A 40 -10.65 9.98 -3.78
C GLY A 40 -10.07 9.92 -5.18
N GLN A 41 -9.97 8.68 -5.67
CA GLN A 41 -9.34 8.47 -6.98
C GLN A 41 -10.03 7.29 -7.64
N ASN A 42 -9.69 7.01 -8.92
CA ASN A 42 -10.29 5.81 -9.53
C ASN A 42 -9.29 4.99 -10.31
N PRO A 43 -8.83 3.89 -9.66
CA PRO A 43 -7.95 2.98 -10.33
C PRO A 43 -8.72 1.96 -11.18
N THR A 44 -8.17 1.72 -12.37
CA THR A 44 -8.69 0.67 -13.23
C THR A 44 -8.34 -0.70 -12.67
N GLU A 45 -8.99 -1.77 -13.19
CA GLU A 45 -8.57 -3.12 -12.80
C GLU A 45 -7.08 -3.35 -12.96
N ALA A 46 -6.63 -2.86 -14.13
CA ALA A 46 -5.20 -2.84 -14.42
C ALA A 46 -4.45 -2.13 -13.33
N GLU A 47 -4.95 -0.95 -12.95
CA GLU A 47 -4.19 -0.26 -11.89
C GLU A 47 -4.05 -1.06 -10.61
N LEU A 48 -5.02 -1.92 -10.33
CA LEU A 48 -4.81 -2.67 -9.05
C LEU A 48 -3.63 -3.65 -9.10
N GLN A 49 -3.62 -4.33 -10.25
CA GLN A 49 -2.53 -5.28 -10.49
C GLN A 49 -1.18 -4.60 -10.67
N ASP A 50 -1.24 -3.56 -11.50
CA ASP A 50 -0.04 -2.87 -11.92
C ASP A 50 0.54 -2.04 -10.80
N MET A 51 -0.36 -1.42 -10.01
CA MET A 51 0.15 -0.61 -8.90
C MET A 51 0.86 -1.42 -7.84
N ILE A 52 0.31 -2.64 -7.62
CA ILE A 52 1.05 -3.56 -6.73
C ILE A 52 2.36 -3.96 -7.35
N ASN A 53 2.23 -4.48 -8.58
CA ASN A 53 3.41 -5.05 -9.26
C ASN A 53 4.55 -4.07 -9.51
N GLU A 54 4.13 -2.80 -9.66
CA GLU A 54 5.17 -1.77 -9.83
C GLU A 54 6.02 -1.57 -8.59
N VAL A 55 5.39 -1.84 -7.46
CA VAL A 55 6.10 -1.73 -6.20
C VAL A 55 6.31 -3.06 -5.50
N ASP A 56 6.09 -4.15 -6.26
CA ASP A 56 6.30 -5.48 -5.69
C ASP A 56 7.74 -5.92 -5.82
N ALA A 57 8.32 -6.19 -4.64
CA ALA A 57 9.75 -6.50 -4.75
C ALA A 57 10.05 -7.96 -4.95
N ASP A 58 9.10 -8.78 -4.49
CA ASP A 58 9.24 -10.23 -4.61
C ASP A 58 8.60 -10.83 -5.86
N GLY A 59 7.74 -10.01 -6.48
CA GLY A 59 7.09 -10.55 -7.67
C GLY A 59 5.94 -11.51 -7.35
N ASN A 60 5.54 -11.54 -6.07
CA ASN A 60 4.49 -12.48 -5.67
C ASN A 60 3.07 -12.12 -6.12
N GLY A 61 2.81 -10.81 -6.20
CA GLY A 61 1.45 -10.34 -6.51
C GLY A 61 0.61 -9.95 -5.30
N THR A 62 1.34 -9.43 -4.29
CA THR A 62 0.74 -8.95 -3.05
C THR A 62 1.69 -7.96 -2.39
N ILE A 63 1.13 -7.16 -1.49
CA ILE A 63 2.04 -6.21 -0.82
C ILE A 63 1.98 -6.39 0.68
N ASP A 64 3.13 -6.30 1.34
CA ASP A 64 3.13 -6.34 2.79
C ASP A 64 3.55 -5.01 3.42
N PHE A 65 3.65 -4.96 4.76
CA PHE A 65 4.20 -3.72 5.33
C PHE A 65 5.62 -3.24 4.90
N PRO A 66 6.61 -4.18 4.94
CA PRO A 66 7.93 -3.84 4.40
C PRO A 66 7.96 -3.19 3.01
N GLU A 67 7.22 -3.81 2.08
CA GLU A 67 7.04 -3.38 0.69
C GLU A 67 6.20 -2.13 0.62
N PHE A 68 5.25 -2.07 1.54
CA PHE A 68 4.46 -0.84 1.64
C PHE A 68 5.33 0.34 2.02
N LEU A 69 6.23 0.10 2.96
CA LEU A 69 7.08 1.23 3.38
C LEU A 69 8.04 1.71 2.31
N THR A 70 8.57 0.74 1.56
CA THR A 70 9.42 1.11 0.43
C THR A 70 8.68 1.96 -0.60
N MET A 71 7.45 1.49 -0.88
CA MET A 71 6.55 2.28 -1.72
C MET A 71 6.32 3.68 -1.17
N MET A 72 6.11 3.70 0.14
CA MET A 72 5.90 4.98 0.83
C MET A 72 7.07 5.92 0.79
N ALA A 73 8.25 5.33 0.62
CA ALA A 73 9.41 6.18 0.36
C ALA A 73 9.32 6.91 -0.97
N ARG A 74 8.69 6.20 -1.93
CA ARG A 74 8.38 6.85 -3.21
C ARG A 74 7.33 7.95 -3.16
N LYS A 75 6.65 8.04 -2.01
CA LYS A 75 5.68 9.12 -1.84
C LYS A 75 6.34 10.50 -1.79
N MET A 76 6.46 11.10 -3.00
CA MET A 76 7.13 12.38 -3.23
C MET A 76 7.09 12.76 -4.71
N ALA A 1 13.34 12.79 11.48
CA ALA A 1 12.81 11.47 11.17
C ALA A 1 13.18 11.17 9.75
N ASP A 2 12.94 9.92 9.35
CA ASP A 2 13.34 9.46 8.04
C ASP A 2 12.34 9.85 7.00
N GLN A 3 11.17 9.18 7.11
CA GLN A 3 10.04 9.61 6.29
C GLN A 3 9.42 10.87 6.87
N LEU A 4 8.87 10.71 8.07
CA LEU A 4 8.24 11.83 8.73
C LEU A 4 8.22 11.50 10.20
N THR A 5 7.72 12.46 11.00
CA THR A 5 7.66 12.25 12.45
C THR A 5 6.96 10.94 12.77
N GLU A 6 7.29 10.36 13.94
CA GLU A 6 6.64 9.13 14.37
C GLU A 6 5.14 9.11 14.21
N GLU A 7 4.57 10.32 14.29
CA GLU A 7 3.14 10.50 14.06
C GLU A 7 2.79 9.93 12.70
N GLN A 8 3.37 10.57 11.67
CA GLN A 8 3.06 10.07 10.33
C GLN A 8 3.34 8.61 10.07
N ILE A 9 4.55 8.21 10.50
CA ILE A 9 4.90 6.79 10.40
C ILE A 9 3.82 5.86 10.99
N ALA A 10 3.41 6.22 12.22
CA ALA A 10 2.33 5.51 12.88
C ALA A 10 1.05 5.47 12.06
N GLU A 11 0.66 6.65 11.58
CA GLU A 11 -0.49 6.74 10.67
C GLU A 11 -0.36 5.93 9.38
N PHE A 12 0.89 5.75 8.93
CA PHE A 12 1.07 4.79 7.85
C PHE A 12 0.65 3.38 8.25
N LYS A 13 1.04 3.04 9.47
CA LYS A 13 0.51 1.78 10.02
C LYS A 13 -1.00 1.77 10.16
N GLU A 14 -1.58 2.92 10.54
CA GLU A 14 -3.04 2.95 10.53
C GLU A 14 -3.65 2.69 9.16
N ALA A 15 -3.03 3.33 8.16
CA ALA A 15 -3.49 3.08 6.79
C ALA A 15 -3.41 1.61 6.38
N PHE A 16 -2.37 0.97 6.94
CA PHE A 16 -2.24 -0.47 6.75
C PHE A 16 -3.44 -1.25 7.24
N SER A 17 -3.91 -0.87 8.44
CA SER A 17 -5.13 -1.46 8.99
C SER A 17 -6.34 -1.34 8.07
N LEU A 18 -6.40 -0.18 7.40
CA LEU A 18 -7.49 0.05 6.45
C LEU A 18 -7.33 -0.75 5.17
N PHE A 19 -6.06 -1.06 4.88
CA PHE A 19 -5.78 -1.83 3.67
C PHE A 19 -6.18 -3.26 3.82
N ASP A 20 -5.60 -3.85 4.88
CA ASP A 20 -5.87 -5.25 5.17
C ASP A 20 -7.24 -5.44 5.80
N LYS A 21 -8.24 -5.26 4.94
CA LYS A 21 -9.62 -5.21 5.41
C LYS A 21 -10.13 -6.54 5.93
N ASP A 22 -9.57 -7.57 5.31
CA ASP A 22 -9.86 -8.94 5.73
C ASP A 22 -8.99 -9.39 6.89
N GLY A 23 -7.85 -8.68 7.04
CA GLY A 23 -6.90 -9.14 8.05
C GLY A 23 -6.19 -10.42 7.66
N ASP A 24 -6.10 -10.65 6.34
CA ASP A 24 -5.41 -11.86 5.89
C ASP A 24 -3.88 -11.80 5.98
N GLY A 25 -3.40 -10.63 6.39
CA GLY A 25 -1.97 -10.40 6.46
C GLY A 25 -1.30 -10.13 5.12
N THR A 26 -2.08 -9.72 4.12
CA THR A 26 -1.57 -9.55 2.76
C THR A 26 -2.37 -8.57 1.92
N ILE A 27 -1.65 -7.53 1.46
CA ILE A 27 -2.39 -6.60 0.61
C ILE A 27 -2.61 -7.18 -0.78
N THR A 28 -3.89 -7.37 -1.11
CA THR A 28 -4.20 -7.89 -2.44
C THR A 28 -4.32 -6.77 -3.43
N THR A 29 -4.29 -7.18 -4.71
CA THR A 29 -4.39 -6.16 -5.76
C THR A 29 -5.72 -5.39 -5.64
N LYS A 30 -6.71 -6.24 -5.37
CA LYS A 30 -8.03 -5.66 -5.18
C LYS A 30 -8.09 -4.68 -4.03
N GLU A 31 -7.46 -5.10 -2.93
CA GLU A 31 -7.34 -4.20 -1.79
C GLU A 31 -6.67 -2.92 -2.17
N LEU A 32 -5.58 -3.02 -2.94
CA LEU A 32 -4.93 -1.82 -3.47
C LEU A 32 -5.91 -0.89 -4.17
N GLY A 33 -6.82 -1.53 -4.92
CA GLY A 33 -7.86 -0.71 -5.52
C GLY A 33 -8.61 0.11 -4.50
N THR A 34 -9.02 -0.61 -3.46
CA THR A 34 -9.61 0.12 -2.33
C THR A 34 -8.75 1.21 -1.74
N VAL A 35 -7.46 0.88 -1.57
CA VAL A 35 -6.41 1.79 -1.11
C VAL A 35 -6.35 3.07 -1.92
N MET A 36 -5.93 2.93 -3.18
CA MET A 36 -5.86 4.11 -4.04
C MET A 36 -7.16 4.86 -4.12
N ARG A 37 -8.22 4.04 -4.20
CA ARG A 37 -9.56 4.63 -4.17
C ARG A 37 -9.89 5.41 -2.92
N SER A 38 -9.39 4.92 -1.79
CA SER A 38 -9.74 5.51 -0.50
C SER A 38 -9.17 6.91 -0.36
N LEU A 39 -7.98 7.02 -0.95
CA LEU A 39 -7.31 8.32 -1.00
C LEU A 39 -7.95 9.30 -1.98
N GLY A 40 -9.00 8.79 -2.64
CA GLY A 40 -9.78 9.65 -3.53
C GLY A 40 -9.30 9.57 -4.97
N GLN A 41 -9.29 8.33 -5.48
CA GLN A 41 -8.75 8.14 -6.84
C GLN A 41 -9.53 7.02 -7.51
N ASN A 42 -9.22 6.74 -8.79
CA ASN A 42 -9.86 5.57 -9.41
C ASN A 42 -8.89 4.76 -10.24
N PRO A 43 -8.43 3.65 -9.63
CA PRO A 43 -7.51 2.78 -10.33
C PRO A 43 -8.23 1.76 -11.20
N THR A 44 -7.67 1.60 -12.40
CA THR A 44 -8.20 0.56 -13.30
C THR A 44 -7.76 -0.82 -12.82
N GLU A 45 -8.30 -1.89 -13.42
CA GLU A 45 -7.83 -3.23 -13.06
C GLU A 45 -6.32 -3.38 -13.19
N ALA A 46 -5.86 -2.77 -14.31
CA ALA A 46 -4.43 -2.70 -14.56
C ALA A 46 -3.75 -2.07 -13.36
N GLU A 47 -4.35 -0.98 -12.89
CA GLU A 47 -3.64 -0.34 -11.80
C GLU A 47 -3.53 -1.17 -10.56
N LEU A 48 -4.44 -2.13 -10.40
CA LEU A 48 -4.25 -2.92 -9.16
C LEU A 48 -3.05 -3.85 -9.24
N GLN A 49 -3.07 -4.57 -10.39
CA GLN A 49 -1.97 -5.48 -10.67
C GLN A 49 -0.63 -4.79 -10.77
N ASP A 50 -0.67 -3.70 -11.54
CA ASP A 50 0.53 -2.96 -11.87
C ASP A 50 1.02 -2.17 -10.68
N MET A 51 0.10 -1.53 -9.95
CA MET A 51 0.59 -0.76 -8.79
C MET A 51 1.21 -1.61 -7.71
N ILE A 52 0.68 -2.84 -7.58
CA ILE A 52 1.39 -3.80 -6.71
C ILE A 52 2.74 -4.16 -7.29
N ASN A 53 2.67 -4.66 -8.53
CA ASN A 53 3.90 -5.20 -9.14
C ASN A 53 5.04 -4.20 -9.28
N GLU A 54 4.63 -2.95 -9.46
CA GLU A 54 5.64 -1.89 -9.56
C GLU A 54 6.42 -1.65 -8.28
N VAL A 55 5.78 -2.02 -7.16
CA VAL A 55 6.42 -1.90 -5.86
C VAL A 55 6.59 -3.22 -5.12
N ASP A 56 6.40 -4.31 -5.88
CA ASP A 56 6.60 -5.63 -5.29
C ASP A 56 8.06 -6.02 -5.36
N ALA A 57 8.62 -6.20 -4.16
CA ALA A 57 10.06 -6.43 -4.18
C ALA A 57 10.43 -7.89 -4.30
N ASP A 58 9.49 -8.70 -3.83
CA ASP A 58 9.68 -10.16 -3.83
C ASP A 58 9.14 -10.87 -5.06
N GLY A 59 8.30 -10.14 -5.82
CA GLY A 59 7.76 -10.81 -7.01
C GLY A 59 6.65 -11.82 -6.69
N ASN A 60 6.15 -11.74 -5.45
CA ASN A 60 5.12 -12.68 -5.03
C ASN A 60 3.72 -12.39 -5.56
N GLY A 61 3.42 -11.09 -5.73
CA GLY A 61 2.07 -10.70 -6.14
C GLY A 61 1.14 -10.25 -5.01
N THR A 62 1.81 -9.70 -3.98
CA THR A 62 1.13 -9.19 -2.80
C THR A 62 2.01 -8.11 -2.17
N ILE A 63 1.35 -7.28 -1.35
CA ILE A 63 2.19 -6.25 -0.70
C ILE A 63 2.04 -6.30 0.80
N ASP A 64 3.13 -6.06 1.51
CA ASP A 64 3.01 -5.96 2.96
C ASP A 64 3.29 -4.54 3.50
N PHE A 65 3.33 -4.42 4.83
CA PHE A 65 3.76 -3.11 5.34
C PHE A 65 5.16 -2.59 4.94
N PRO A 66 6.23 -3.41 5.13
CA PRO A 66 7.56 -2.99 4.65
C PRO A 66 7.63 -2.44 3.23
N GLU A 67 7.05 -3.24 2.31
CA GLU A 67 6.99 -2.91 0.87
C GLU A 67 6.13 -1.69 0.62
N PHE A 68 5.07 -1.61 1.43
CA PHE A 68 4.28 -0.38 1.38
C PHE A 68 5.09 0.83 1.79
N LEU A 69 5.85 0.68 2.87
CA LEU A 69 6.65 1.83 3.35
C LEU A 69 7.72 2.26 2.36
N THR A 70 8.36 1.25 1.76
CA THR A 70 9.33 1.57 0.71
C THR A 70 8.68 2.28 -0.48
N MET A 71 7.47 1.81 -0.78
CA MET A 71 6.66 2.51 -1.79
C MET A 71 6.38 3.95 -1.41
N MET A 72 6.04 4.11 -0.11
CA MET A 72 5.83 5.45 0.44
C MET A 72 6.99 6.41 0.31
N ALA A 73 8.20 5.82 0.32
CA ALA A 73 9.35 6.65 0.02
C ALA A 73 9.30 7.27 -1.37
N ARG A 74 8.78 6.44 -2.30
CA ARG A 74 8.54 6.93 -3.65
C ARG A 74 7.45 7.97 -3.80
N LYS A 75 6.54 7.98 -2.81
CA LYS A 75 5.51 9.02 -2.80
C LYS A 75 6.09 10.41 -2.61
N MET A 76 6.33 11.10 -3.73
CA MET A 76 6.93 12.42 -3.81
C MET A 76 7.03 12.90 -5.26
#